data_9MLT
#
_entry.id   9MLT
#
_cell.length_a   134.013
_cell.length_b   134.013
_cell.length_c   75.560
_cell.angle_alpha   90.00
_cell.angle_beta   90.00
_cell.angle_gamma   120.00
#
_symmetry.space_group_name_H-M   'P 63 2 2'
#
loop_
_entity.id
_entity.type
_entity.pdbx_description
1 polymer 'Dihydrofolate reductase'
2 non-polymer 'NADP NICOTINAMIDE-ADENINE-DINUCLEOTIDE PHOSPHATE'
3 non-polymer '[2-({4-[(2-amino-4-oxo-4,7-dihydro-3H-pyrrolo[2,3-d]pyrimidin-5-yl)methyl]benzene-1-carbonyl}amino)-4-cyanophenyl]acetic acid'
4 water water
#
_entity_poly.entity_id   1
_entity_poly.type   'polypeptide(L)'
_entity_poly.pdbx_seq_one_letter_code
;MAHHHHHHAMATRTLHMNLIVAVDGCGGIGRNGGMPWFLPAEMARFAKLTTLTTDSGKKNAVIMGRKVWESIPPKFRPLK
SRFNVVLSKKMKEESNENVVVARSFESAVSLLQDMENIETIWNIGGREVYELGLNSPFLHQMYITRVEGDFLADVFFPRV
DYGRFIKSTESEEMHEEKGIKYRYEIYTIKTDKVA
;
_entity_poly.pdbx_strand_id   A
#
loop_
_chem_comp.id
_chem_comp.type
_chem_comp.name
_chem_comp.formula
NAP non-polymer 'NADP NICOTINAMIDE-ADENINE-DINUCLEOTIDE PHOSPHATE' 'C21 H28 N7 O17 P3'
OFD non-polymer '[2-({4-[(2-amino-4-oxo-4,7-dihydro-3H-pyrrolo[2,3-d]pyrimidin-5-yl)methyl]benzene-1-carbonyl}amino)-4-cyanophenyl]acetic acid' 'C23 H18 N6 O4'
#
# COMPACT_ATOMS: atom_id res chain seq x y z
N ARG A 13 2.67 18.41 -10.89
CA ARG A 13 2.07 17.94 -12.14
C ARG A 13 1.97 16.42 -12.15
N THR A 14 3.11 15.76 -12.35
CA THR A 14 3.15 14.30 -12.39
C THR A 14 2.94 13.73 -10.99
N LEU A 15 1.89 12.92 -10.83
CA LEU A 15 1.52 12.35 -9.54
C LEU A 15 1.45 10.84 -9.67
N HIS A 16 2.27 10.14 -8.89
CA HIS A 16 2.34 8.69 -8.94
C HIS A 16 1.48 8.06 -7.86
N MET A 17 0.80 6.97 -8.22
CA MET A 17 0.22 6.05 -7.25
C MET A 17 0.98 4.73 -7.33
N ASN A 18 1.67 4.38 -6.25
CA ASN A 18 2.36 3.10 -6.13
C ASN A 18 1.58 2.21 -5.19
N LEU A 19 1.51 0.92 -5.51
CA LEU A 19 0.95 -0.07 -4.60
C LEU A 19 2.06 -0.71 -3.78
N ILE A 20 1.76 -1.04 -2.53
CA ILE A 20 2.71 -1.80 -1.72
C ILE A 20 1.97 -2.87 -0.93
N VAL A 21 2.52 -4.09 -0.93
CA VAL A 21 1.80 -5.24 -0.38
C VAL A 21 2.81 -6.33 -0.04
N ALA A 22 2.46 -7.17 0.92
CA ALA A 22 3.15 -8.44 1.18
C ALA A 22 2.17 -9.58 0.95
N VAL A 23 2.52 -10.51 0.05
CA VAL A 23 1.65 -11.62 -0.31
C VAL A 23 2.37 -12.94 -0.04
N ASP A 24 1.61 -13.98 0.30
CA ASP A 24 2.24 -15.27 0.53
C ASP A 24 2.27 -16.07 -0.78
N GLY A 25 2.63 -17.35 -0.71
CA GLY A 25 2.76 -18.16 -1.90
C GLY A 25 1.45 -18.38 -2.65
N CYS A 26 0.32 -18.13 -1.98
CA CYS A 26 -0.99 -18.25 -2.59
C CYS A 26 -1.58 -16.91 -3.01
N GLY A 27 -0.84 -15.82 -2.85
CA GLY A 27 -1.41 -14.51 -3.03
C GLY A 27 -2.21 -13.99 -1.85
N GLY A 28 -2.14 -14.67 -0.69
CA GLY A 28 -2.92 -14.23 0.45
C GLY A 28 -2.29 -13.02 1.13
N ILE A 29 -3.15 -12.11 1.59
CA ILE A 29 -2.69 -10.92 2.29
C ILE A 29 -3.27 -10.78 3.69
N GLY A 30 -4.39 -11.42 4.01
CA GLY A 30 -5.01 -11.21 5.30
C GLY A 30 -5.61 -12.50 5.84
N ARG A 31 -5.74 -12.55 7.17
CA ARG A 31 -6.35 -13.69 7.85
C ARG A 31 -7.06 -13.17 9.10
N ASN A 32 -8.36 -13.39 9.17
CA ASN A 32 -9.17 -13.00 10.34
C ASN A 32 -9.06 -11.50 10.63
N GLY A 33 -9.11 -10.69 9.57
CA GLY A 33 -9.02 -9.25 9.71
C GLY A 33 -7.65 -8.70 10.01
N GLY A 34 -6.63 -9.56 10.14
CA GLY A 34 -5.29 -9.09 10.41
C GLY A 34 -4.25 -9.66 9.47
N MET A 35 -2.98 -9.41 9.77
CA MET A 35 -1.95 -9.96 8.91
C MET A 35 -1.53 -11.36 9.38
N PRO A 36 -1.30 -12.29 8.46
CA PRO A 36 -1.01 -13.67 8.87
C PRO A 36 0.38 -13.86 9.45
N TRP A 37 1.19 -12.81 9.55
CA TRP A 37 2.57 -12.90 10.02
C TRP A 37 2.93 -11.58 10.67
N PHE A 38 4.10 -11.54 11.29
CA PHE A 38 4.66 -10.28 11.78
C PHE A 38 6.16 -10.26 11.48
N LEU A 39 6.58 -9.27 10.70
CA LEU A 39 7.94 -9.18 10.18
C LEU A 39 8.44 -7.76 10.44
N PRO A 40 9.12 -7.54 11.58
CA PRO A 40 9.48 -6.15 11.94
C PRO A 40 10.37 -5.43 10.95
N ALA A 41 11.36 -6.11 10.36
CA ALA A 41 12.22 -5.44 9.38
C ALA A 41 11.44 -5.10 8.11
N GLU A 42 10.63 -6.03 7.63
CA GLU A 42 9.75 -5.74 6.49
C GLU A 42 8.85 -4.55 6.78
N MET A 43 8.29 -4.47 7.99
CA MET A 43 7.43 -3.35 8.36
C MET A 43 8.22 -2.04 8.38
N ALA A 44 9.47 -2.07 8.86
CA ALA A 44 10.30 -0.88 8.86
C ALA A 44 10.55 -0.39 7.44
N ARG A 45 10.84 -1.32 6.52
CA ARG A 45 10.99 -0.93 5.12
C ARG A 45 9.70 -0.34 4.56
N PHE A 46 8.55 -0.92 4.92
CA PHE A 46 7.26 -0.36 4.52
C PHE A 46 7.16 1.10 4.96
N ALA A 47 7.48 1.36 6.23
CA ALA A 47 7.37 2.72 6.75
C ALA A 47 8.30 3.68 6.02
N LYS A 48 9.54 3.25 5.74
CA LYS A 48 10.47 4.11 5.03
C LYS A 48 9.99 4.40 3.62
N LEU A 49 9.59 3.35 2.88
CA LEU A 49 9.13 3.55 1.51
C LEU A 49 7.91 4.47 1.45
N THR A 50 6.97 4.33 2.39
CA THR A 50 5.76 5.14 2.30
C THR A 50 5.95 6.55 2.86
N THR A 51 6.94 6.76 3.73
CA THR A 51 7.14 8.07 4.35
C THR A 51 8.10 8.96 3.57
N LEU A 52 9.23 8.41 3.11
CA LEU A 52 10.30 9.23 2.57
C LEU A 52 9.89 9.92 1.27
N THR A 53 10.12 11.22 1.21
CA THR A 53 9.91 12.03 0.01
C THR A 53 11.23 12.67 -0.40
N THR A 54 11.39 12.90 -1.69
CA THR A 54 12.60 13.56 -2.17
C THR A 54 12.59 15.06 -1.87
N ASP A 55 11.45 15.72 -2.07
CA ASP A 55 11.29 17.13 -1.75
C ASP A 55 10.94 17.25 -0.28
N SER A 56 11.93 17.60 0.55
CA SER A 56 11.66 17.88 1.95
C SER A 56 10.65 19.02 2.05
N GLY A 57 9.74 18.91 3.01
CA GLY A 57 8.59 19.79 3.07
C GLY A 57 7.36 19.29 2.34
N LYS A 58 7.53 18.31 1.46
CA LYS A 58 6.41 17.59 0.86
C LYS A 58 6.09 16.33 1.67
N LYS A 59 4.88 15.83 1.48
CA LYS A 59 4.36 14.70 2.23
C LYS A 59 3.81 13.65 1.28
N ASN A 60 3.90 12.39 1.67
CA ASN A 60 3.22 11.33 0.95
C ASN A 60 1.84 11.09 1.56
N ALA A 61 0.96 10.51 0.75
CA ALA A 61 -0.35 10.08 1.19
C ALA A 61 -0.45 8.56 1.10
N VAL A 62 -1.11 7.96 2.09
CA VAL A 62 -1.49 6.56 2.04
C VAL A 62 -3.00 6.49 1.92
N ILE A 63 -3.48 5.62 1.04
CA ILE A 63 -4.91 5.38 0.86
C ILE A 63 -5.17 3.91 1.18
N MET A 64 -6.20 3.67 1.99
CA MET A 64 -6.43 2.34 2.55
C MET A 64 -7.92 2.15 2.73
N GLY A 65 -8.33 0.88 2.88
CA GLY A 65 -9.70 0.57 3.22
C GLY A 65 -9.92 0.57 4.74
N ARG A 66 -11.19 0.50 5.13
CA ARG A 66 -11.53 0.59 6.55
C ARG A 66 -10.87 -0.53 7.35
N LYS A 67 -10.82 -1.75 6.80
CA LYS A 67 -10.29 -2.86 7.58
C LYS A 67 -8.78 -2.76 7.76
N VAL A 68 -8.06 -2.25 6.77
CA VAL A 68 -6.64 -1.92 6.97
C VAL A 68 -6.50 -0.91 8.11
N TRP A 69 -7.32 0.15 8.09
CA TRP A 69 -7.29 1.15 9.15
C TRP A 69 -7.49 0.50 10.52
N GLU A 70 -8.48 -0.39 10.62
CA GLU A 70 -8.75 -1.06 11.89
C GLU A 70 -7.66 -2.06 12.26
N SER A 71 -6.83 -2.50 11.31
CA SER A 71 -5.75 -3.42 11.63
C SER A 71 -4.47 -2.73 12.10
N ILE A 72 -4.40 -1.42 12.03
CA ILE A 72 -3.19 -0.71 12.49
C ILE A 72 -3.29 -0.50 13.99
N PRO A 73 -2.26 -0.87 14.75
CA PRO A 73 -2.26 -0.59 16.19
C PRO A 73 -2.50 0.88 16.45
N PRO A 74 -3.42 1.21 17.36
CA PRO A 74 -3.80 2.63 17.55
C PRO A 74 -2.65 3.52 17.98
N LYS A 75 -1.57 2.93 18.51
CA LYS A 75 -0.34 3.70 18.73
C LYS A 75 0.20 4.24 17.41
N PHE A 76 0.43 3.35 16.45
CA PHE A 76 0.89 3.73 15.12
C PHE A 76 -0.17 4.42 14.28
N ARG A 77 -1.35 4.74 14.82
CA ARG A 77 -2.45 5.25 14.02
C ARG A 77 -2.82 6.66 14.44
N PRO A 78 -2.95 7.61 13.50
CA PRO A 78 -2.71 7.49 12.06
C PRO A 78 -1.23 7.30 11.72
N LEU A 79 -0.89 6.79 10.53
CA LEU A 79 0.49 6.54 10.16
C LEU A 79 1.27 7.85 10.13
N LYS A 80 2.29 7.94 10.97
CA LYS A 80 2.99 9.20 11.20
C LYS A 80 3.67 9.70 9.94
N SER A 81 3.72 11.03 9.80
CA SER A 81 4.41 11.75 8.74
C SER A 81 3.81 11.53 7.36
N ARG A 82 2.62 10.94 7.30
CA ARG A 82 1.91 10.71 6.05
C ARG A 82 0.47 11.20 6.20
N PHE A 83 -0.11 11.61 5.08
CA PHE A 83 -1.52 11.98 5.06
C PHE A 83 -2.36 10.72 4.83
N ASN A 84 -3.29 10.43 5.75
CA ASN A 84 -4.06 9.20 5.72
C ASN A 84 -5.42 9.43 5.08
N VAL A 85 -5.78 8.58 4.12
CA VAL A 85 -7.11 8.58 3.51
C VAL A 85 -7.70 7.19 3.67
N VAL A 86 -8.86 7.12 4.32
CA VAL A 86 -9.54 5.86 4.60
C VAL A 86 -10.82 5.81 3.78
N LEU A 87 -10.92 4.82 2.90
CA LEU A 87 -12.12 4.58 2.12
C LEU A 87 -13.12 3.82 2.97
N SER A 88 -14.33 4.37 3.13
CA SER A 88 -15.36 3.72 3.91
C SER A 88 -16.71 4.38 3.62
N LYS A 89 -17.75 3.56 3.49
CA LYS A 89 -19.11 4.06 3.43
C LYS A 89 -19.75 4.18 4.80
N LYS A 90 -19.23 3.46 5.80
CA LYS A 90 -19.84 3.39 7.12
C LYS A 90 -19.13 4.20 8.19
N MET A 91 -17.87 4.55 8.01
CA MET A 91 -17.09 5.19 9.06
C MET A 91 -17.52 6.64 9.27
N LYS A 92 -17.64 7.03 10.54
CA LYS A 92 -17.86 8.43 10.86
C LYS A 92 -16.60 9.23 10.59
N GLU A 93 -16.77 10.54 10.41
CA GLU A 93 -15.62 11.40 10.13
C GLU A 93 -14.60 11.34 11.26
N GLU A 94 -13.35 11.64 10.92
CA GLU A 94 -12.22 11.60 11.84
C GLU A 94 -11.81 13.02 12.17
N SER A 95 -11.81 13.35 13.46
CA SER A 95 -11.45 14.70 13.91
C SER A 95 -10.01 15.04 13.54
N ASN A 96 -9.11 14.07 13.68
CA ASN A 96 -7.69 14.27 13.37
C ASN A 96 -7.53 14.82 11.96
N GLU A 97 -6.66 15.82 11.82
CA GLU A 97 -6.46 16.48 10.53
C GLU A 97 -5.46 15.76 9.63
N ASN A 98 -4.80 14.72 10.14
CA ASN A 98 -3.97 13.86 9.30
C ASN A 98 -4.75 12.69 8.71
N VAL A 99 -6.05 12.60 9.02
CA VAL A 99 -6.91 11.52 8.53
C VAL A 99 -8.13 12.15 7.87
N VAL A 100 -8.45 11.70 6.67
CA VAL A 100 -9.73 12.03 6.05
C VAL A 100 -10.42 10.74 5.62
N VAL A 101 -11.73 10.67 5.86
CA VAL A 101 -12.55 9.54 5.43
C VAL A 101 -13.19 9.92 4.11
N ALA A 102 -12.96 9.10 3.09
CA ALA A 102 -13.49 9.31 1.75
C ALA A 102 -14.52 8.24 1.41
N ARG A 103 -15.57 8.63 0.69
CA ARG A 103 -16.67 7.73 0.38
C ARG A 103 -16.54 7.05 -0.97
N SER A 104 -15.55 7.42 -1.79
CA SER A 104 -15.30 6.73 -3.04
C SER A 104 -13.84 6.92 -3.44
N PHE A 105 -13.36 6.02 -4.29
CA PHE A 105 -11.98 6.11 -4.76
C PHE A 105 -11.78 7.37 -5.58
N GLU A 106 -12.75 7.71 -6.44
CA GLU A 106 -12.61 8.90 -7.28
C GLU A 106 -12.51 10.17 -6.44
N SER A 107 -13.35 10.29 -5.41
CA SER A 107 -13.28 11.47 -4.55
C SER A 107 -11.97 11.52 -3.78
N ALA A 108 -11.48 10.37 -3.31
CA ALA A 108 -10.20 10.34 -2.60
C ALA A 108 -9.07 10.81 -3.50
N VAL A 109 -9.02 10.32 -4.74
CA VAL A 109 -7.95 10.69 -5.65
C VAL A 109 -8.04 12.16 -6.05
N SER A 110 -9.27 12.67 -6.25
CA SER A 110 -9.43 14.09 -6.55
C SER A 110 -8.96 14.96 -5.40
N LEU A 111 -9.38 14.62 -4.18
CA LEU A 111 -8.91 15.33 -2.99
C LEU A 111 -7.39 15.33 -2.91
N LEU A 112 -6.75 14.19 -3.21
CA LEU A 112 -5.30 14.11 -3.08
C LEU A 112 -4.58 14.91 -4.16
N GLN A 113 -5.08 14.87 -5.40
CA GLN A 113 -4.41 15.63 -6.43
C GLN A 113 -4.71 17.12 -6.32
N ASP A 114 -5.72 17.51 -5.54
CA ASP A 114 -5.93 18.91 -5.22
C ASP A 114 -4.89 19.45 -4.23
N MET A 115 -4.23 18.58 -3.47
CA MET A 115 -3.27 19.00 -2.45
C MET A 115 -1.87 19.07 -3.06
N GLU A 116 -1.28 20.27 -3.03
CA GLU A 116 0.01 20.49 -3.68
C GLU A 116 1.17 19.87 -2.90
N ASN A 117 1.04 19.74 -1.58
CA ASN A 117 2.11 19.21 -0.75
C ASN A 117 2.18 17.68 -0.74
N ILE A 118 1.37 17.00 -1.55
CA ILE A 118 1.40 15.55 -1.65
C ILE A 118 2.29 15.16 -2.82
N GLU A 119 3.32 14.37 -2.55
CA GLU A 119 4.29 13.99 -3.57
C GLU A 119 3.93 12.67 -4.26
N THR A 120 3.57 11.65 -3.48
CA THR A 120 3.25 10.33 -4.02
C THR A 120 2.11 9.72 -3.20
N ILE A 121 1.21 9.02 -3.87
CA ILE A 121 0.13 8.29 -3.22
C ILE A 121 0.56 6.84 -3.09
N TRP A 122 0.57 6.32 -1.86
CA TRP A 122 0.87 4.92 -1.61
C TRP A 122 -0.44 4.19 -1.30
N ASN A 123 -0.82 3.27 -2.18
CA ASN A 123 -1.98 2.42 -2.03
C ASN A 123 -1.55 1.21 -1.22
N ILE A 124 -1.99 1.15 0.03
CA ILE A 124 -1.66 0.06 0.94
C ILE A 124 -2.83 -0.89 1.11
N GLY A 125 -3.85 -0.75 0.30
CA GLY A 125 -4.76 -1.82 0.03
C GLY A 125 -5.90 -2.08 1.00
N GLY A 126 -6.11 -3.36 1.22
CA GLY A 126 -7.41 -3.97 1.17
C GLY A 126 -7.60 -4.38 -0.28
N ARG A 127 -8.14 -5.60 -0.53
CA ARG A 127 -8.20 -6.12 -1.90
C ARG A 127 -8.87 -5.14 -2.86
N GLU A 128 -10.03 -4.59 -2.47
CA GLU A 128 -10.76 -3.71 -3.37
C GLU A 128 -10.01 -2.41 -3.64
N VAL A 129 -9.29 -1.90 -2.65
CA VAL A 129 -8.50 -0.68 -2.84
C VAL A 129 -7.35 -0.95 -3.82
N TYR A 130 -6.66 -2.08 -3.67
CA TYR A 130 -5.66 -2.49 -4.64
C TYR A 130 -6.27 -2.58 -6.04
N GLU A 131 -7.44 -3.19 -6.13
CA GLU A 131 -8.09 -3.39 -7.43
C GLU A 131 -8.38 -2.04 -8.10
N LEU A 132 -8.90 -1.08 -7.33
CA LEU A 132 -9.14 0.24 -7.89
C LEU A 132 -7.83 0.92 -8.28
N GLY A 133 -6.77 0.71 -7.49
CA GLY A 133 -5.48 1.24 -7.87
C GLY A 133 -4.98 0.71 -9.21
N LEU A 134 -5.15 -0.60 -9.44
CA LEU A 134 -4.67 -1.22 -10.67
C LEU A 134 -5.39 -0.68 -11.90
N ASN A 135 -6.54 -0.02 -11.74
CA ASN A 135 -7.27 0.60 -12.83
C ASN A 135 -7.13 2.12 -12.85
N SER A 136 -6.27 2.66 -12.01
CA SER A 136 -6.13 4.10 -11.92
C SER A 136 -5.17 4.61 -13.00
N PRO A 137 -5.47 5.75 -13.63
CA PRO A 137 -4.50 6.35 -14.55
C PRO A 137 -3.21 6.76 -13.87
N PHE A 138 -3.23 6.95 -12.54
CA PHE A 138 -2.02 7.32 -11.81
C PHE A 138 -1.13 6.14 -11.47
N LEU A 139 -1.57 4.91 -11.76
CA LEU A 139 -0.79 3.73 -11.42
C LEU A 139 0.62 3.82 -11.97
N HIS A 140 1.61 3.60 -11.11
CA HIS A 140 3.01 3.72 -11.49
C HIS A 140 3.77 2.43 -11.20
N GLN A 141 3.98 2.07 -9.94
CA GLN A 141 4.78 0.90 -9.56
C GLN A 141 4.04 0.04 -8.53
N MET A 142 4.43 -1.23 -8.50
CA MET A 142 4.03 -2.17 -7.46
C MET A 142 5.26 -2.64 -6.71
N TYR A 143 5.25 -2.47 -5.39
CA TYR A 143 6.31 -2.96 -4.51
C TYR A 143 5.77 -4.17 -3.76
N ILE A 144 6.12 -5.37 -4.22
CA ILE A 144 5.50 -6.60 -3.74
C ILE A 144 6.52 -7.40 -2.96
N THR A 145 6.26 -7.63 -1.68
CA THR A 145 7.02 -8.58 -0.89
C THR A 145 6.39 -9.96 -1.05
N ARG A 146 7.15 -10.90 -1.61
CA ARG A 146 6.65 -12.26 -1.80
C ARG A 146 7.16 -13.12 -0.65
N VAL A 147 6.23 -13.53 0.21
CA VAL A 147 6.51 -14.35 1.39
C VAL A 147 6.32 -15.82 1.04
N GLU A 148 7.26 -16.65 1.48
CA GLU A 148 7.22 -18.07 1.19
C GLU A 148 6.21 -18.80 2.06
N GLY A 149 5.43 -19.68 1.44
CA GLY A 149 4.54 -20.58 2.17
C GLY A 149 3.08 -20.16 2.08
N ASP A 150 2.24 -21.03 2.65
CA ASP A 150 0.79 -20.87 2.67
C ASP A 150 0.39 -20.55 4.12
N PHE A 151 0.00 -19.30 4.36
CA PHE A 151 -0.40 -18.87 5.70
C PHE A 151 -1.91 -18.95 5.92
N LEU A 152 -2.63 -19.71 5.08
CA LEU A 152 -4.06 -19.94 5.26
C LEU A 152 -4.83 -18.62 5.30
N ALA A 153 -4.55 -17.76 4.32
CA ALA A 153 -5.22 -16.47 4.25
C ALA A 153 -6.69 -16.63 3.83
N ASP A 154 -7.51 -15.67 4.21
CA ASP A 154 -8.88 -15.58 3.72
C ASP A 154 -9.14 -14.36 2.86
N VAL A 155 -8.14 -13.48 2.70
CA VAL A 155 -8.23 -12.34 1.80
C VAL A 155 -6.98 -12.37 0.93
N PHE A 156 -7.14 -12.06 -0.36
CA PHE A 156 -6.08 -12.21 -1.34
C PHE A 156 -5.86 -10.93 -2.12
N PHE A 157 -4.64 -10.76 -2.62
CA PHE A 157 -4.32 -9.71 -3.57
C PHE A 157 -5.18 -9.90 -4.83
N PRO A 158 -5.60 -8.82 -5.48
CA PRO A 158 -6.39 -8.95 -6.72
C PRO A 158 -5.68 -9.77 -7.78
N ARG A 159 -6.47 -10.36 -8.67
CA ARG A 159 -5.90 -10.95 -9.87
C ARG A 159 -5.35 -9.81 -10.74
N VAL A 160 -4.12 -9.94 -11.18
CA VAL A 160 -3.44 -8.88 -11.91
C VAL A 160 -2.64 -9.49 -13.05
N ASP A 161 -2.61 -8.79 -14.19
CA ASP A 161 -1.85 -9.22 -15.36
C ASP A 161 -0.45 -8.63 -15.25
N TYR A 162 0.51 -9.45 -14.82
CA TYR A 162 1.89 -8.97 -14.71
C TYR A 162 2.46 -8.61 -16.08
N GLY A 163 1.85 -9.07 -17.17
CA GLY A 163 2.26 -8.66 -18.50
C GLY A 163 2.13 -7.17 -18.76
N ARG A 164 1.40 -6.45 -17.90
CA ARG A 164 1.31 -5.00 -18.02
C ARG A 164 2.54 -4.29 -17.50
N PHE A 165 3.44 -4.98 -16.79
CA PHE A 165 4.52 -4.34 -16.05
C PHE A 165 5.87 -4.85 -16.52
N ILE A 166 6.91 -4.10 -16.14
CA ILE A 166 8.31 -4.50 -16.27
C ILE A 166 8.82 -4.78 -14.87
N LYS A 167 9.33 -5.99 -14.66
CA LYS A 167 9.90 -6.36 -13.37
C LYS A 167 11.34 -5.86 -13.30
N SER A 168 11.64 -5.06 -12.27
CA SER A 168 12.98 -4.56 -12.10
C SER A 168 13.97 -5.70 -11.89
N THR A 169 15.19 -5.51 -12.37
CA THR A 169 16.19 -6.57 -12.38
C THR A 169 17.32 -6.36 -11.37
N GLU A 170 17.21 -5.37 -10.50
CA GLU A 170 18.21 -5.20 -9.45
C GLU A 170 18.31 -6.47 -8.61
N SER A 171 19.48 -6.66 -7.99
CA SER A 171 19.71 -7.86 -7.20
C SER A 171 18.80 -7.87 -5.98
N GLU A 172 18.11 -8.99 -5.78
CA GLU A 172 17.21 -9.15 -4.65
C GLU A 172 17.52 -10.48 -3.97
N GLU A 173 18.03 -10.41 -2.75
CA GLU A 173 18.34 -11.58 -1.95
C GLU A 173 17.10 -12.06 -1.20
N MET A 174 17.21 -13.26 -0.63
CA MET A 174 16.21 -13.73 0.32
C MET A 174 16.43 -13.08 1.67
N HIS A 175 15.33 -12.85 2.40
CA HIS A 175 15.33 -12.36 3.76
C HIS A 175 14.65 -13.39 4.65
N GLU A 176 14.99 -13.38 5.93
CA GLU A 176 14.34 -14.30 6.87
C GLU A 176 14.29 -13.66 8.26
N GLU A 177 13.10 -13.64 8.84
CA GLU A 177 12.93 -13.29 10.24
C GLU A 177 11.79 -14.12 10.81
N LYS A 178 11.94 -14.52 12.07
CA LYS A 178 10.91 -15.29 12.77
C LYS A 178 10.63 -16.62 12.06
N GLY A 179 11.65 -17.18 11.40
CA GLY A 179 11.45 -18.39 10.63
C GLY A 179 10.64 -18.22 9.36
N ILE A 180 10.44 -16.99 8.90
CA ILE A 180 9.66 -16.68 7.71
C ILE A 180 10.58 -16.05 6.68
N LYS A 181 10.56 -16.60 5.46
CA LYS A 181 11.41 -16.16 4.37
C LYS A 181 10.60 -15.33 3.37
N TYR A 182 11.24 -14.31 2.78
CA TYR A 182 10.57 -13.47 1.81
C TYR A 182 11.58 -12.80 0.89
N ARG A 183 11.07 -12.25 -0.20
CA ARG A 183 11.89 -11.59 -1.20
C ARG A 183 11.16 -10.37 -1.75
N TYR A 184 11.89 -9.29 -2.02
CA TYR A 184 11.28 -8.09 -2.57
C TYR A 184 11.25 -8.13 -4.10
N GLU A 185 10.20 -7.53 -4.68
CA GLU A 185 10.05 -7.37 -6.12
C GLU A 185 9.50 -5.99 -6.40
N ILE A 186 9.90 -5.42 -7.54
CA ILE A 186 9.43 -4.10 -7.95
C ILE A 186 8.97 -4.17 -9.40
N TYR A 187 7.80 -3.61 -9.69
CA TYR A 187 7.21 -3.61 -11.02
C TYR A 187 6.87 -2.19 -11.44
N THR A 188 7.13 -1.87 -12.70
CA THR A 188 6.80 -0.55 -13.24
C THR A 188 5.86 -0.71 -14.42
N ILE A 189 4.76 0.06 -14.43
CA ILE A 189 3.81 -0.03 -15.53
C ILE A 189 4.52 0.26 -16.85
N LYS A 190 4.21 -0.52 -17.89
CA LYS A 190 4.93 -0.39 -19.16
C LYS A 190 4.74 0.98 -19.79
N THR A 191 3.58 1.60 -19.62
CA THR A 191 3.38 2.93 -20.20
C THR A 191 4.22 4.04 -19.50
N ASP A 192 5.09 3.70 -18.55
CA ASP A 192 6.02 4.65 -17.94
C ASP A 192 7.48 4.30 -18.15
N LYS A 193 7.82 3.02 -18.28
CA LYS A 193 9.21 2.60 -18.44
C LYS A 193 9.61 2.56 -19.91
PA NAP B . -10.09 -3.37 3.14
O1A NAP B . -10.19 -3.03 1.68
O2A NAP B . -8.92 -3.02 3.99
O5B NAP B . -11.44 -2.71 3.81
C5B NAP B . -12.67 -2.97 3.16
C4B NAP B . -13.61 -1.85 3.52
O4B NAP B . -13.09 -0.60 3.02
C3B NAP B . -15.02 -1.98 2.92
O3B NAP B . -15.89 -2.79 3.66
C2B NAP B . -15.42 -0.49 2.91
O2B NAP B . -15.54 -0.11 4.24
C1B NAP B . -14.12 0.16 2.46
N9A NAP B . -13.97 0.30 1.03
C8A NAP B . -13.27 -0.45 0.12
N7A NAP B . -13.37 -0.01 -1.10
C5A NAP B . -14.19 1.09 -1.01
C6A NAP B . -14.69 2.00 -1.96
N6A NAP B . -14.40 1.92 -3.27
N1A NAP B . -15.49 2.99 -1.53
C2A NAP B . -15.77 3.07 -0.24
N3A NAP B . -15.36 2.28 0.74
C4A NAP B . -14.58 1.30 0.30
O3 NAP B . -10.48 -4.95 3.43
PN NAP B . -9.77 -6.38 3.05
O1N NAP B . -10.41 -7.44 3.88
O2N NAP B . -9.67 -6.53 1.57
O5D NAP B . -8.26 -6.12 3.63
C5D NAP B . -7.98 -6.13 5.00
C4D NAP B . -7.39 -7.46 5.42
O4D NAP B . -6.20 -7.71 4.63
C3D NAP B . -6.88 -7.47 6.85
O3D NAP B . -6.75 -8.84 7.15
C2D NAP B . -5.51 -6.79 6.67
O2D NAP B . -4.63 -7.02 7.71
C1D NAP B . -5.05 -7.48 5.38
N1N NAP B . -4.07 -6.73 4.53
C2N NAP B . -2.83 -7.22 4.31
C3N NAP B . -1.91 -6.56 3.51
C7N NAP B . -0.52 -7.10 3.26
O7N NAP B . 0.28 -6.42 2.64
N7N NAP B . -0.28 -8.32 3.73
C4N NAP B . -2.31 -5.35 2.92
C5N NAP B . -3.60 -4.88 3.14
C6N NAP B . -4.46 -5.59 3.95
P2B NAP B . -17.11 -0.05 4.93
O1X NAP B . -17.46 -1.53 5.11
O2X NAP B . -17.82 0.72 3.84
O3X NAP B . -16.87 0.71 6.23
O1 OFD C . 1.98 -4.91 6.65
C1 OFD C . 3.44 -4.56 3.43
O2 OFD C . 1.49 0.02 11.62
C2 OFD C . 1.12 -3.48 3.51
C3 OFD C . 0.93 -3.81 4.83
C4 OFD C . 2.09 -4.59 5.52
C5 OFD C . -0.33 -3.34 5.21
C6 OFD C . -0.86 -2.73 4.10
C7 OFD C . -1.11 -3.37 6.55
C8 OFD C . -0.35 -2.60 7.63
C9 OFD C . -0.33 -3.05 8.95
C10 OFD C . 0.39 -2.37 9.93
C11 OFD C . 1.10 -1.23 9.61
C12 OFD C . 1.10 -0.78 8.29
O3 OFD C . 4.39 2.40 8.53
C13 OFD C . 0.39 -1.46 7.31
C14 OFD C . 1.94 -0.48 10.66
C15 OFD C . 4.61 -0.02 10.97
C16 OFD C . 4.83 1.33 11.20
C17 OFD C . 6.02 1.76 11.77
C18 OFD C . 7.02 0.87 12.10
C19 OFD C . 6.83 -0.48 11.87
C20 OFD C . 5.63 -0.92 11.30
C21 OFD C . 7.93 -1.47 12.24
C22 OFD C . 3.77 2.35 10.85
C23 OFD C . 4.32 3.04 9.61
N1 OFD C . 3.29 -4.93 4.82
N2 OFD C . 2.36 -3.83 2.77
N3 OFD C . 0.02 -2.81 3.07
N4 OFD C . 4.64 -4.88 2.66
N5 OFD C . 3.38 -0.52 10.34
N6 OFD C . 8.76 -2.19 12.51
O4 OFD C . 4.72 4.23 9.67
#